data_7OZB
#
_entry.id   7OZB
#
_cell.length_a   206.260
_cell.length_b   57.560
_cell.length_c   65.790
_cell.angle_alpha   90.000
_cell.angle_beta   107.220
_cell.angle_gamma   90.000
#
_symmetry.space_group_name_H-M   'C 1 2 1'
#
loop_
_entity.id
_entity.type
_entity.pdbx_description
1 polymer 'Fibroblast growth factor receptor 1'
2 non-polymer 4-[3-(4-piperazin-4-ium-1-ylphenyl)-1H-indazol-6-yl]phenol
3 non-polymer 'SULFATE ION'
4 non-polymer 1,2-ETHANEDIOL
5 water water
#
_entity_poly.entity_id   1
_entity_poly.type   'polypeptide(L)'
_entity_poly.pdbx_seq_one_letter_code
;GAGVSEYELPEDPRWELPRDRLVLGKPLGEGAFGQVVLAEAIGLDKDKPNRVTKVAVKMLKSDATEKDLSDLISEMEMMK
MIGKHKNIINLLGACTQDGPLYVIVEYASKGNLREYLQARRPPGLEYSYNPSHNPEEQLSSKDLVSCAYQVARGMEYLAS
KKCIHRDLAARNVLVTEDNVMKIADFGLARDIHHIDYYKKTTNGRLPVKWMAPEALFDRIYTHQSDVWSFGVLLWEIFTL
GGSPYPGVPVEELFKLLKEGHRMDKPSNCTNELYMMMRDCWHAVPSQRPTFKQLVEDLDRIVALTSNQE
;
_entity_poly.pdbx_strand_id   AAA,BBB
#
# COMPACT_ATOMS: atom_id res chain seq x y z
N GLU A 8 -16.71 -50.22 -0.55
CA GLU A 8 -17.41 -48.89 -0.47
C GLU A 8 -17.04 -48.22 0.86
N LEU A 9 -17.75 -47.13 1.19
CA LEU A 9 -17.59 -46.35 2.46
C LEU A 9 -18.71 -46.75 3.41
N PRO A 10 -18.54 -46.54 4.74
CA PRO A 10 -19.63 -46.82 5.68
C PRO A 10 -20.80 -45.87 5.43
N GLU A 11 -22.04 -46.38 5.36
CA GLU A 11 -23.24 -45.52 5.16
C GLU A 11 -23.54 -44.74 6.45
N ASP A 12 -24.23 -43.59 6.30
CA ASP A 12 -24.67 -42.69 7.39
C ASP A 12 -26.06 -42.19 7.05
N PRO A 13 -27.14 -42.86 7.52
CA PRO A 13 -28.49 -42.46 7.13
C PRO A 13 -28.93 -41.11 7.73
N ARG A 14 -28.12 -40.47 8.58
CA ARG A 14 -28.30 -39.04 8.95
C ARG A 14 -28.24 -38.21 7.65
N TRP A 15 -27.31 -38.54 6.75
CA TRP A 15 -26.84 -37.65 5.66
C TRP A 15 -27.13 -38.23 4.26
N GLU A 16 -27.17 -39.55 4.09
CA GLU A 16 -27.25 -40.17 2.73
C GLU A 16 -28.44 -39.62 1.94
N LEU A 17 -28.20 -39.16 0.70
CA LEU A 17 -29.24 -38.83 -0.30
C LEU A 17 -29.09 -39.81 -1.47
N PRO A 18 -30.18 -40.38 -2.01
CA PRO A 18 -30.06 -41.29 -3.15
C PRO A 18 -29.44 -40.55 -4.36
N ARG A 19 -28.54 -41.21 -5.08
CA ARG A 19 -27.84 -40.65 -6.26
C ARG A 19 -28.83 -40.08 -7.28
N ASP A 20 -30.00 -40.70 -7.43
CA ASP A 20 -30.98 -40.34 -8.50
C ASP A 20 -31.72 -39.06 -8.12
N ARG A 21 -31.48 -38.49 -6.92
CA ARG A 21 -32.13 -37.24 -6.44
C ARG A 21 -31.26 -36.03 -6.75
N LEU A 22 -30.04 -36.26 -7.24
CA LEU A 22 -29.02 -35.22 -7.47
C LEU A 22 -28.83 -35.04 -8.97
N VAL A 23 -29.28 -33.91 -9.51
CA VAL A 23 -29.13 -33.52 -10.96
C VAL A 23 -27.88 -32.64 -11.09
N LEU A 24 -26.76 -33.25 -11.52
CA LEU A 24 -25.42 -32.61 -11.63
C LEU A 24 -25.44 -31.60 -12.78
N GLY A 25 -24.80 -30.44 -12.59
CA GLY A 25 -24.76 -29.33 -13.55
C GLY A 25 -23.34 -28.88 -13.81
N LYS A 26 -23.15 -27.57 -14.02
CA LYS A 26 -21.88 -27.02 -14.55
C LYS A 26 -20.82 -27.00 -13.44
N PRO A 27 -19.51 -27.03 -13.80
CA PRO A 27 -18.44 -26.88 -12.82
C PRO A 27 -18.50 -25.53 -12.10
N LEU A 28 -18.19 -25.53 -10.80
CA LEU A 28 -18.06 -24.31 -9.95
C LEU A 28 -16.59 -24.16 -9.57
N GLN A 35 -12.88 -30.86 -6.77
CA GLN A 35 -13.79 -30.52 -7.90
C GLN A 35 -15.23 -30.31 -7.41
N VAL A 36 -15.81 -29.13 -7.65
CA VAL A 36 -17.17 -28.76 -7.17
C VAL A 36 -18.07 -28.44 -8.37
N VAL A 37 -19.27 -29.02 -8.42
CA VAL A 37 -20.29 -28.79 -9.48
C VAL A 37 -21.57 -28.24 -8.85
N LEU A 38 -22.28 -27.36 -9.57
CA LEU A 38 -23.67 -26.97 -9.22
C LEU A 38 -24.55 -28.18 -9.51
N ALA A 39 -25.52 -28.43 -8.63
CA ALA A 39 -26.51 -29.51 -8.84
C ALA A 39 -27.85 -29.02 -8.31
N GLU A 40 -28.92 -29.72 -8.69
CA GLU A 40 -30.27 -29.55 -8.11
C GLU A 40 -30.56 -30.83 -7.31
N ALA A 41 -30.89 -30.69 -6.04
CA ALA A 41 -31.30 -31.83 -5.17
C ALA A 41 -32.82 -31.86 -5.15
N ILE A 42 -33.41 -33.01 -5.45
CA ILE A 42 -34.88 -33.22 -5.31
C ILE A 42 -35.12 -33.81 -3.93
N GLY A 43 -36.09 -33.30 -3.19
CA GLY A 43 -36.48 -33.88 -1.90
C GLY A 43 -35.28 -34.02 -0.98
N LEU A 44 -34.49 -32.95 -0.89
CA LEU A 44 -33.35 -32.84 0.06
C LEU A 44 -33.92 -32.95 1.49
N ASP A 45 -34.99 -32.21 1.75
CA ASP A 45 -35.76 -32.27 3.02
C ASP A 45 -36.70 -33.48 2.97
N LYS A 46 -36.64 -34.36 3.99
CA LYS A 46 -37.55 -35.53 4.19
C LYS A 46 -39.00 -35.06 4.12
N ASP A 47 -39.31 -33.92 4.73
CA ASP A 47 -40.67 -33.33 4.80
C ASP A 47 -40.93 -32.39 3.61
N LYS A 48 -40.35 -32.67 2.42
CA LYS A 48 -40.53 -31.87 1.17
C LYS A 48 -39.90 -32.58 -0.03
N PRO A 49 -40.42 -33.76 -0.47
CA PRO A 49 -39.78 -34.55 -1.52
C PRO A 49 -39.92 -34.04 -2.97
N ASN A 50 -40.78 -33.03 -3.21
CA ASN A 50 -41.07 -32.46 -4.56
C ASN A 50 -40.35 -31.13 -4.80
N ARG A 51 -39.55 -30.65 -3.84
CA ARG A 51 -38.82 -29.36 -3.92
C ARG A 51 -37.42 -29.63 -4.51
N VAL A 52 -36.99 -28.87 -5.53
CA VAL A 52 -35.56 -28.85 -5.99
C VAL A 52 -34.82 -27.74 -5.24
N THR A 53 -33.66 -28.08 -4.69
CA THR A 53 -32.73 -27.12 -4.04
C THR A 53 -31.45 -27.08 -4.87
N LYS A 54 -31.02 -25.88 -5.27
CA LYS A 54 -29.67 -25.66 -5.83
C LYS A 54 -28.66 -25.91 -4.72
N VAL A 55 -27.65 -26.76 -4.97
CA VAL A 55 -26.61 -27.16 -3.99
C VAL A 55 -25.28 -27.19 -4.72
N ALA A 56 -24.18 -27.28 -3.96
CA ALA A 56 -22.82 -27.47 -4.48
C ALA A 56 -22.36 -28.87 -4.10
N VAL A 57 -21.77 -29.59 -5.04
CA VAL A 57 -21.38 -31.01 -4.83
C VAL A 57 -19.87 -31.09 -4.99
N LYS A 58 -19.18 -31.48 -3.91
CA LYS A 58 -17.72 -31.73 -3.90
C LYS A 58 -17.51 -33.22 -4.19
N MET A 59 -16.54 -33.53 -5.04
CA MET A 59 -16.25 -34.91 -5.50
C MET A 59 -14.78 -34.98 -5.88
N LEU A 60 -14.26 -36.18 -6.16
CA LEU A 60 -12.84 -36.40 -6.52
C LEU A 60 -12.69 -36.31 -8.05
N LYS A 61 -11.56 -35.79 -8.52
CA LYS A 61 -11.17 -35.78 -9.96
C LYS A 61 -10.64 -37.17 -10.32
N SER A 62 -10.49 -37.47 -11.62
CA SER A 62 -10.02 -38.77 -12.16
C SER A 62 -8.66 -39.14 -11.55
N ASP A 63 -7.77 -38.15 -11.36
CA ASP A 63 -6.35 -38.35 -10.98
C ASP A 63 -6.20 -38.56 -9.46
N ALA A 64 -7.31 -38.65 -8.72
CA ALA A 64 -7.34 -38.56 -7.24
C ALA A 64 -6.83 -39.86 -6.60
N THR A 65 -5.96 -39.73 -5.59
CA THR A 65 -5.34 -40.84 -4.82
C THR A 65 -6.20 -41.15 -3.59
N GLU A 66 -5.87 -42.22 -2.86
CA GLU A 66 -6.54 -42.61 -1.59
C GLU A 66 -6.32 -41.51 -0.53
N LYS A 67 -5.24 -40.73 -0.64
CA LYS A 67 -5.00 -39.55 0.24
C LYS A 67 -6.11 -38.54 -0.04
N ASP A 68 -6.29 -38.18 -1.31
CA ASP A 68 -7.34 -37.26 -1.81
C ASP A 68 -8.71 -37.70 -1.26
N LEU A 69 -9.03 -38.99 -1.32
CA LEU A 69 -10.33 -39.55 -0.85
C LEU A 69 -10.44 -39.45 0.68
N SER A 70 -9.34 -39.72 1.39
CA SER A 70 -9.28 -39.65 2.87
C SER A 70 -9.56 -38.20 3.31
N ASP A 71 -8.94 -37.25 2.61
CA ASP A 71 -9.08 -35.79 2.84
C ASP A 71 -10.54 -35.38 2.67
N LEU A 72 -11.21 -35.83 1.60
CA LEU A 72 -12.63 -35.47 1.32
C LEU A 72 -13.52 -36.05 2.42
N ILE A 73 -13.28 -37.29 2.85
CA ILE A 73 -14.10 -37.92 3.93
C ILE A 73 -13.92 -37.12 5.21
N SER A 74 -12.67 -36.78 5.53
CA SER A 74 -12.25 -36.01 6.73
C SER A 74 -13.02 -34.69 6.78
N GLU A 75 -13.01 -33.94 5.68
CA GLU A 75 -13.75 -32.65 5.59
C GLU A 75 -15.23 -32.90 5.90
N MET A 76 -15.85 -33.89 5.26
CA MET A 76 -17.30 -34.21 5.46
C MET A 76 -17.59 -34.54 6.94
N GLU A 77 -16.73 -35.33 7.56
CA GLU A 77 -16.89 -35.78 8.97
C GLU A 77 -16.80 -34.59 9.93
N MET A 78 -15.87 -33.68 9.66
N MET A 78 -15.88 -33.66 9.67
CA MET A 78 -15.65 -32.43 10.44
CA MET A 78 -15.71 -32.44 10.52
C MET A 78 -16.93 -31.57 10.39
C MET A 78 -16.97 -31.59 10.41
N MET A 79 -17.57 -31.47 9.21
CA MET A 79 -18.83 -30.71 9.02
C MET A 79 -19.97 -31.32 9.84
N LYS A 80 -20.13 -32.65 9.83
CA LYS A 80 -21.17 -33.31 10.66
C LYS A 80 -20.98 -32.93 12.13
N MET A 81 -19.72 -32.97 12.56
N MET A 81 -19.77 -33.00 12.65
CA MET A 81 -19.20 -32.77 13.94
CA MET A 81 -19.55 -32.74 14.09
C MET A 81 -19.47 -31.34 14.42
C MET A 81 -19.80 -31.27 14.38
N ILE A 82 -19.30 -30.36 13.51
CA ILE A 82 -19.35 -28.90 13.81
C ILE A 82 -20.81 -28.43 13.89
N GLY A 83 -21.71 -29.03 13.10
CA GLY A 83 -23.12 -28.66 13.07
C GLY A 83 -23.38 -27.35 12.35
N LYS A 84 -24.64 -26.91 12.39
CA LYS A 84 -25.18 -25.89 11.46
C LYS A 84 -25.01 -24.49 12.05
N HIS A 85 -24.69 -23.53 11.19
CA HIS A 85 -24.75 -22.09 11.51
C HIS A 85 -25.13 -21.31 10.24
N LYS A 86 -25.92 -20.24 10.38
CA LYS A 86 -26.27 -19.35 9.24
C LYS A 86 -25.02 -18.91 8.45
N ASN A 87 -23.89 -18.63 9.11
CA ASN A 87 -22.75 -17.91 8.48
C ASN A 87 -21.62 -18.88 8.21
N ILE A 88 -21.94 -20.16 8.00
CA ILE A 88 -20.96 -21.12 7.44
C ILE A 88 -21.64 -21.87 6.30
N ILE A 89 -20.83 -22.46 5.41
CA ILE A 89 -21.33 -23.36 4.33
C ILE A 89 -21.71 -24.67 5.02
N ASN A 90 -23.00 -25.03 5.02
CA ASN A 90 -23.49 -26.17 5.82
C ASN A 90 -23.51 -27.42 4.93
N LEU A 91 -23.27 -28.57 5.56
CA LEU A 91 -23.45 -29.89 4.92
C LEU A 91 -24.96 -30.11 4.77
N LEU A 92 -25.40 -30.60 3.61
CA LEU A 92 -26.84 -30.87 3.36
C LEU A 92 -27.06 -32.37 3.16
N GLY A 93 -26.05 -33.11 2.80
CA GLY A 93 -26.21 -34.54 2.47
C GLY A 93 -24.98 -35.12 1.84
N ALA A 94 -25.05 -36.39 1.45
CA ALA A 94 -23.91 -37.08 0.84
C ALA A 94 -24.44 -38.29 0.06
N CYS A 95 -23.76 -38.61 -1.03
CA CYS A 95 -23.91 -39.84 -1.85
C CYS A 95 -22.61 -40.65 -1.67
N THR A 96 -22.65 -41.67 -0.82
CA THR A 96 -21.44 -42.41 -0.32
C THR A 96 -21.40 -43.85 -0.84
N GLN A 97 -22.58 -44.42 -1.16
CA GLN A 97 -22.73 -45.85 -1.55
C GLN A 97 -22.83 -45.97 -3.08
N ASP A 98 -22.16 -47.00 -3.65
CA ASP A 98 -22.43 -47.48 -5.04
C ASP A 98 -22.25 -46.32 -6.02
N GLY A 99 -21.03 -45.79 -6.10
CA GLY A 99 -20.66 -44.64 -6.96
C GLY A 99 -19.63 -43.75 -6.30
N PRO A 100 -19.17 -42.67 -6.98
CA PRO A 100 -18.10 -41.84 -6.44
C PRO A 100 -18.67 -41.05 -5.24
N LEU A 101 -17.82 -40.66 -4.29
CA LEU A 101 -18.27 -39.90 -3.09
C LEU A 101 -18.72 -38.51 -3.56
N TYR A 102 -19.94 -38.10 -3.18
CA TYR A 102 -20.48 -36.73 -3.35
C TYR A 102 -20.80 -36.12 -1.99
N VAL A 103 -20.12 -35.03 -1.64
CA VAL A 103 -20.40 -34.24 -0.41
C VAL A 103 -21.22 -33.02 -0.85
N ILE A 104 -22.47 -32.94 -0.41
CA ILE A 104 -23.46 -31.94 -0.87
C ILE A 104 -23.51 -30.83 0.17
N VAL A 105 -23.19 -29.61 -0.24
CA VAL A 105 -23.13 -28.46 0.70
C VAL A 105 -23.95 -27.30 0.13
N GLU A 106 -24.13 -26.26 0.95
CA GLU A 106 -24.91 -25.07 0.53
C GLU A 106 -24.20 -24.42 -0.66
N TYR A 107 -25.02 -23.91 -1.58
CA TYR A 107 -24.65 -23.16 -2.80
C TYR A 107 -24.75 -21.66 -2.50
N ALA A 108 -23.70 -20.93 -2.85
CA ALA A 108 -23.62 -19.48 -2.64
C ALA A 108 -23.57 -18.84 -4.03
N SER A 109 -24.67 -18.31 -4.53
CA SER A 109 -24.79 -17.95 -5.98
C SER A 109 -23.93 -16.74 -6.33
N LYS A 110 -23.51 -15.93 -5.34
CA LYS A 110 -22.80 -14.66 -5.65
C LYS A 110 -21.29 -14.81 -5.47
N GLY A 111 -20.80 -16.05 -5.30
CA GLY A 111 -19.36 -16.37 -5.35
C GLY A 111 -18.62 -15.97 -4.08
N ASN A 112 -17.28 -15.88 -4.14
CA ASN A 112 -16.48 -15.54 -2.94
C ASN A 112 -16.55 -14.02 -2.69
N LEU A 113 -16.26 -13.64 -1.46
CA LEU A 113 -16.46 -12.25 -1.00
C LEU A 113 -15.50 -11.32 -1.74
N ARG A 114 -14.29 -11.76 -2.06
CA ARG A 114 -13.34 -10.94 -2.87
C ARG A 114 -14.04 -10.54 -4.17
N GLU A 115 -14.57 -11.51 -4.93
CA GLU A 115 -15.25 -11.28 -6.24
C GLU A 115 -16.46 -10.36 -6.04
N TYR A 116 -17.28 -10.65 -5.03
CA TYR A 116 -18.52 -9.92 -4.67
C TYR A 116 -18.22 -8.45 -4.41
N LEU A 117 -17.13 -8.19 -3.68
CA LEU A 117 -16.71 -6.80 -3.37
C LEU A 117 -16.17 -6.12 -4.64
N GLN A 118 -15.29 -6.78 -5.38
CA GLN A 118 -14.67 -6.17 -6.60
C GLN A 118 -15.79 -5.80 -7.59
N ALA A 119 -16.80 -6.66 -7.75
CA ALA A 119 -17.90 -6.48 -8.73
C ALA A 119 -18.73 -5.25 -8.35
N ARG A 120 -18.73 -4.82 -7.08
CA ARG A 120 -19.58 -3.71 -6.57
C ARG A 120 -18.73 -2.49 -6.24
N ARG A 121 -17.50 -2.41 -6.74
CA ARG A 121 -16.70 -1.17 -6.68
C ARG A 121 -17.43 -0.07 -7.44
N PRO A 122 -17.29 1.23 -7.06
CA PRO A 122 -17.89 2.32 -7.83
C PRO A 122 -17.25 2.42 -9.20
N PRO A 123 -17.95 2.98 -10.22
CA PRO A 123 -17.42 3.06 -11.58
C PRO A 123 -15.97 3.52 -11.74
N GLY A 124 -15.22 2.90 -12.66
CA GLY A 124 -13.80 3.19 -12.93
C GLY A 124 -13.22 2.30 -14.02
N HIS A 133 -15.25 -0.29 -15.65
CA HIS A 133 -16.09 -0.87 -14.57
C HIS A 133 -17.42 -0.11 -14.49
N ASN A 134 -18.53 -0.76 -14.87
CA ASN A 134 -19.91 -0.24 -14.74
C ASN A 134 -20.75 -1.29 -14.00
N PRO A 135 -20.71 -1.31 -12.64
CA PRO A 135 -21.42 -2.32 -11.86
C PRO A 135 -22.93 -2.05 -11.78
N GLU A 136 -23.74 -3.10 -11.60
CA GLU A 136 -25.23 -2.98 -11.52
C GLU A 136 -25.67 -2.69 -10.08
N GLU A 137 -24.79 -2.87 -9.08
CA GLU A 137 -25.13 -2.68 -7.64
C GLU A 137 -23.93 -2.10 -6.88
N GLN A 138 -24.21 -1.42 -5.77
CA GLN A 138 -23.22 -0.74 -4.90
C GLN A 138 -23.56 -1.06 -3.44
N LEU A 139 -22.56 -1.01 -2.56
CA LEU A 139 -22.70 -1.36 -1.13
C LEU A 139 -22.61 -0.09 -0.31
N SER A 140 -23.48 0.07 0.69
CA SER A 140 -23.40 1.16 1.69
C SER A 140 -22.29 0.85 2.71
N SER A 141 -21.96 1.85 3.54
CA SER A 141 -21.05 1.68 4.69
C SER A 141 -21.64 0.61 5.63
N LYS A 142 -22.94 0.67 5.88
CA LYS A 142 -23.62 -0.32 6.74
C LYS A 142 -23.44 -1.73 6.15
N ASP A 143 -23.62 -1.89 4.83
CA ASP A 143 -23.49 -3.21 4.15
C ASP A 143 -22.10 -3.78 4.42
N LEU A 144 -21.05 -2.95 4.33
CA LEU A 144 -19.65 -3.40 4.54
C LEU A 144 -19.45 -3.88 5.98
N VAL A 145 -19.94 -3.14 6.96
CA VAL A 145 -19.81 -3.52 8.39
C VAL A 145 -20.63 -4.79 8.65
N SER A 146 -21.82 -4.89 8.05
CA SER A 146 -22.70 -6.08 8.14
C SER A 146 -21.96 -7.32 7.64
N CYS A 147 -21.23 -7.18 6.54
N CYS A 147 -21.25 -7.21 6.50
CA CYS A 147 -20.40 -8.27 5.97
CA CYS A 147 -20.37 -8.29 5.97
C CYS A 147 -19.34 -8.72 6.98
C CYS A 147 -19.39 -8.73 7.07
N ALA A 148 -18.69 -7.78 7.67
CA ALA A 148 -17.67 -8.05 8.71
C ALA A 148 -18.36 -8.74 9.90
N TYR A 149 -19.53 -8.27 10.28
CA TYR A 149 -20.29 -8.84 11.42
C TYR A 149 -20.62 -10.31 11.14
N GLN A 150 -21.09 -10.59 9.93
CA GLN A 150 -21.56 -11.95 9.55
C GLN A 150 -20.38 -12.90 9.59
N VAL A 151 -19.24 -12.51 9.02
CA VAL A 151 -18.01 -13.35 9.08
C VAL A 151 -17.61 -13.56 10.55
N ALA A 152 -17.53 -12.51 11.37
CA ALA A 152 -17.17 -12.62 12.80
C ALA A 152 -18.10 -13.64 13.48
N ARG A 153 -19.39 -13.58 13.20
CA ARG A 153 -20.39 -14.46 13.85
C ARG A 153 -20.16 -15.92 13.42
N GLY A 154 -19.90 -16.17 12.13
CA GLY A 154 -19.49 -17.50 11.64
C GLY A 154 -18.24 -18.01 12.35
N MET A 155 -17.21 -17.17 12.44
CA MET A 155 -15.96 -17.55 13.11
C MET A 155 -16.20 -17.77 14.61
N GLU A 156 -17.10 -17.00 15.24
CA GLU A 156 -17.39 -17.16 16.69
C GLU A 156 -17.99 -18.55 16.89
N TYR A 157 -18.86 -18.95 15.98
CA TYR A 157 -19.51 -20.28 16.00
C TYR A 157 -18.44 -21.35 15.81
N LEU A 158 -17.63 -21.27 14.74
CA LEU A 158 -16.56 -22.27 14.47
C LEU A 158 -15.63 -22.38 15.68
N ALA A 159 -15.18 -21.26 16.25
CA ALA A 159 -14.27 -21.28 17.43
C ALA A 159 -14.97 -21.98 18.61
N SER A 160 -16.27 -21.75 18.79
CA SER A 160 -17.08 -22.38 19.86
C SER A 160 -17.09 -23.91 19.67
N LYS A 161 -16.92 -24.40 18.45
CA LYS A 161 -16.85 -25.85 18.13
C LYS A 161 -15.40 -26.30 18.01
N LYS A 162 -14.46 -25.46 18.45
CA LYS A 162 -13.02 -25.82 18.58
C LYS A 162 -12.40 -25.97 17.19
N CYS A 163 -12.98 -25.34 16.17
CA CYS A 163 -12.47 -25.37 14.77
C CYS A 163 -11.58 -24.15 14.55
N ILE A 164 -10.32 -24.38 14.16
CA ILE A 164 -9.35 -23.34 13.72
C ILE A 164 -9.34 -23.37 12.19
N HIS A 165 -9.65 -22.25 11.56
CA HIS A 165 -9.84 -22.21 10.09
C HIS A 165 -8.49 -22.44 9.43
N ARG A 166 -7.51 -21.61 9.79
CA ARG A 166 -6.11 -21.61 9.29
C ARG A 166 -5.96 -20.88 7.94
N ASP A 167 -7.03 -20.59 7.19
CA ASP A 167 -6.87 -19.74 5.97
C ASP A 167 -8.11 -18.85 5.82
N LEU A 168 -8.42 -18.12 6.87
CA LEU A 168 -9.54 -17.20 6.84
C LEU A 168 -9.11 -16.01 5.96
N ALA A 169 -9.90 -15.75 4.93
CA ALA A 169 -9.67 -14.74 3.88
C ALA A 169 -10.97 -14.55 3.10
N ALA A 170 -11.16 -13.39 2.45
CA ALA A 170 -12.38 -13.10 1.68
C ALA A 170 -12.61 -14.23 0.64
N ARG A 171 -11.54 -14.81 0.09
CA ARG A 171 -11.60 -15.91 -0.93
C ARG A 171 -12.31 -17.12 -0.33
N ASN A 172 -12.26 -17.32 1.00
CA ASN A 172 -12.91 -18.46 1.69
C ASN A 172 -14.20 -18.06 2.40
N VAL A 173 -14.78 -16.92 2.03
CA VAL A 173 -16.15 -16.52 2.44
C VAL A 173 -16.97 -16.47 1.17
N LEU A 174 -18.11 -17.14 1.17
CA LEU A 174 -18.98 -17.24 -0.02
C LEU A 174 -20.25 -16.46 0.27
N VAL A 175 -20.87 -15.92 -0.76
CA VAL A 175 -22.04 -15.01 -0.60
C VAL A 175 -23.23 -15.66 -1.30
N THR A 176 -24.33 -15.83 -0.58
CA THR A 176 -25.55 -16.50 -1.12
C THR A 176 -26.38 -15.51 -1.93
N GLU A 177 -27.37 -16.02 -2.66
CA GLU A 177 -28.33 -15.22 -3.45
C GLU A 177 -28.89 -14.10 -2.57
N ASP A 178 -29.07 -14.35 -1.26
CA ASP A 178 -29.69 -13.38 -0.32
C ASP A 178 -28.61 -12.60 0.44
N ASN A 179 -27.39 -12.55 -0.08
CA ASN A 179 -26.25 -11.75 0.44
C ASN A 179 -25.90 -12.18 1.88
N VAL A 180 -26.04 -13.46 2.20
CA VAL A 180 -25.55 -14.00 3.50
C VAL A 180 -24.10 -14.41 3.31
N MET A 181 -23.22 -14.01 4.22
CA MET A 181 -21.79 -14.41 4.23
C MET A 181 -21.70 -15.82 4.83
N LYS A 182 -20.96 -16.73 4.18
CA LYS A 182 -20.77 -18.10 4.68
C LYS A 182 -19.29 -18.46 4.61
N ILE A 183 -18.71 -18.77 5.75
CA ILE A 183 -17.32 -19.27 5.89
C ILE A 183 -17.28 -20.63 5.17
N ALA A 184 -16.37 -20.82 4.23
CA ALA A 184 -16.14 -22.09 3.51
C ALA A 184 -14.76 -22.63 3.90
N ASP A 185 -14.52 -23.90 3.60
CA ASP A 185 -13.18 -24.57 3.70
C ASP A 185 -12.71 -24.59 5.15
N PHE A 186 -13.63 -24.60 6.11
CA PHE A 186 -13.31 -24.66 7.56
C PHE A 186 -13.01 -26.11 7.97
N GLY A 187 -13.40 -27.09 7.14
CA GLY A 187 -13.23 -28.52 7.46
C GLY A 187 -12.02 -29.11 6.76
N LEU A 188 -11.35 -28.33 5.93
CA LEU A 188 -10.28 -28.77 5.00
C LEU A 188 -9.12 -29.37 5.80
N ALA A 189 -8.63 -30.54 5.37
CA ALA A 189 -7.37 -31.16 5.83
C ALA A 189 -6.19 -30.39 5.22
N ARG A 190 -5.30 -29.85 6.08
CA ARG A 190 -4.04 -29.18 5.68
C ARG A 190 -2.89 -29.82 6.44
N ASP A 191 -1.90 -30.39 5.74
CA ASP A 191 -0.58 -30.68 6.34
C ASP A 191 0.19 -29.35 6.37
N ILE A 192 0.32 -28.75 7.56
CA ILE A 192 0.87 -27.37 7.72
C ILE A 192 2.40 -27.41 7.59
N HIS A 193 3.03 -28.59 7.74
CA HIS A 193 4.49 -28.79 7.56
C HIS A 193 4.80 -29.05 6.08
N HIS A 194 3.76 -29.12 5.23
CA HIS A 194 3.87 -29.35 3.77
C HIS A 194 3.40 -28.11 2.98
N ILE A 195 3.19 -26.96 3.63
CA ILE A 195 2.75 -25.69 2.97
C ILE A 195 3.89 -25.19 2.07
N ASP A 196 3.56 -24.83 0.83
CA ASP A 196 4.46 -24.09 -0.09
C ASP A 196 4.12 -22.60 0.00
N TYR A 197 4.90 -21.84 0.79
CA TYR A 197 4.71 -20.38 0.99
C TYR A 197 4.72 -19.64 -0.35
N TYR A 198 5.35 -20.23 -1.39
CA TYR A 198 5.56 -19.58 -2.72
C TYR A 198 4.42 -19.91 -3.69
N LYS A 199 3.54 -20.87 -3.37
CA LYS A 199 2.37 -21.26 -4.21
C LYS A 199 1.30 -20.17 -4.09
N LYS A 200 0.85 -19.61 -5.22
CA LYS A 200 -0.18 -18.52 -5.27
C LYS A 200 -1.56 -19.14 -5.48
N THR A 201 -2.62 -18.40 -5.12
CA THR A 201 -4.03 -18.79 -5.33
C THR A 201 -4.33 -18.75 -6.83
N THR A 202 -5.47 -19.30 -7.24
CA THR A 202 -6.11 -19.11 -8.56
C THR A 202 -5.83 -17.69 -9.07
N ASN A 203 -6.03 -16.70 -8.19
CA ASN A 203 -6.07 -15.25 -8.53
C ASN A 203 -4.66 -14.62 -8.45
N GLY A 204 -3.62 -15.38 -8.11
CA GLY A 204 -2.21 -14.93 -8.17
C GLY A 204 -1.73 -14.23 -6.90
N ARG A 205 -2.43 -14.40 -5.77
CA ARG A 205 -2.02 -13.83 -4.45
C ARG A 205 -1.41 -14.93 -3.57
N LEU A 206 -0.64 -14.52 -2.56
CA LEU A 206 0.11 -15.40 -1.63
C LEU A 206 -0.64 -15.52 -0.31
N PRO A 207 -1.19 -16.70 0.00
CA PRO A 207 -1.90 -16.95 1.25
C PRO A 207 -1.13 -16.61 2.53
N VAL A 208 0.21 -16.64 2.49
CA VAL A 208 1.06 -16.28 3.66
C VAL A 208 0.68 -14.86 4.13
N LYS A 209 0.12 -14.02 3.25
CA LYS A 209 -0.20 -12.61 3.59
C LYS A 209 -1.39 -12.52 4.57
N TRP A 210 -2.06 -13.63 4.87
CA TRP A 210 -3.16 -13.67 5.85
C TRP A 210 -2.70 -14.35 7.16
N MET A 211 -1.48 -14.84 7.22
CA MET A 211 -1.06 -15.72 8.35
C MET A 211 -0.50 -14.88 9.49
N ALA A 212 -0.95 -15.13 10.73
CA ALA A 212 -0.33 -14.54 11.93
C ALA A 212 1.16 -14.88 11.94
N PRO A 213 2.02 -13.99 12.49
CA PRO A 213 3.45 -14.27 12.56
C PRO A 213 3.78 -15.60 13.25
N GLU A 214 3.05 -15.96 14.31
CA GLU A 214 3.33 -17.21 15.08
C GLU A 214 2.93 -18.41 14.22
N ALA A 215 1.89 -18.29 13.39
CA ALA A 215 1.48 -19.35 12.43
C ALA A 215 2.56 -19.47 11.36
N LEU A 216 3.00 -18.35 10.80
CA LEU A 216 3.97 -18.28 9.69
C LEU A 216 5.36 -18.78 10.12
N PHE A 217 5.92 -18.27 11.23
CA PHE A 217 7.33 -18.53 11.62
C PHE A 217 7.44 -19.82 12.46
N ASP A 218 6.49 -20.07 13.36
CA ASP A 218 6.54 -21.14 14.40
C ASP A 218 5.46 -22.21 14.14
N ARG A 219 4.71 -22.10 13.03
CA ARG A 219 3.64 -23.06 12.61
C ARG A 219 2.66 -23.30 13.76
N ILE A 220 2.37 -22.29 14.59
CA ILE A 220 1.37 -22.37 15.68
C ILE A 220 0.05 -21.74 15.23
N TYR A 221 -0.99 -22.54 15.06
CA TYR A 221 -2.34 -22.08 14.65
C TYR A 221 -3.27 -22.19 15.85
N THR A 222 -3.96 -21.09 16.16
CA THR A 222 -4.90 -20.96 17.29
C THR A 222 -6.11 -20.16 16.82
N HIS A 223 -7.15 -20.04 17.65
CA HIS A 223 -8.24 -19.08 17.37
C HIS A 223 -7.66 -17.67 17.29
N GLN A 224 -6.51 -17.42 17.97
CA GLN A 224 -5.87 -16.08 17.99
C GLN A 224 -5.22 -15.80 16.63
N SER A 225 -4.62 -16.82 15.98
CA SER A 225 -4.06 -16.62 14.62
C SER A 225 -5.18 -16.41 13.58
N ASP A 226 -6.36 -17.00 13.78
CA ASP A 226 -7.56 -16.77 12.93
C ASP A 226 -8.04 -15.32 13.13
N VAL A 227 -7.90 -14.76 14.32
CA VAL A 227 -8.32 -13.33 14.55
C VAL A 227 -7.40 -12.43 13.75
N TRP A 228 -6.10 -12.68 13.78
CA TRP A 228 -5.13 -11.97 12.89
C TRP A 228 -5.63 -12.02 11.43
N SER A 229 -5.89 -13.22 10.89
CA SER A 229 -6.44 -13.35 9.52
C SER A 229 -7.71 -12.51 9.35
N PHE A 230 -8.58 -12.50 10.35
CA PHE A 230 -9.84 -11.73 10.32
C PHE A 230 -9.55 -10.23 10.17
N GLY A 231 -8.45 -9.76 10.79
CA GLY A 231 -7.98 -8.37 10.60
C GLY A 231 -7.64 -8.10 9.14
N VAL A 232 -6.96 -9.04 8.48
CA VAL A 232 -6.61 -8.90 7.03
C VAL A 232 -7.92 -8.92 6.25
N LEU A 233 -8.87 -9.76 6.62
CA LEU A 233 -10.21 -9.86 5.98
C LEU A 233 -10.98 -8.54 6.13
N LEU A 234 -10.95 -7.91 7.32
CA LEU A 234 -11.55 -6.55 7.50
C LEU A 234 -10.93 -5.59 6.47
N TRP A 235 -9.61 -5.61 6.34
CA TRP A 235 -8.88 -4.76 5.37
C TRP A 235 -9.35 -5.04 3.92
N GLU A 236 -9.51 -6.32 3.54
CA GLU A 236 -10.09 -6.70 2.23
C GLU A 236 -11.48 -6.10 2.07
N ILE A 237 -12.33 -6.18 3.09
CA ILE A 237 -13.72 -5.66 3.02
C ILE A 237 -13.65 -4.15 2.74
N PHE A 238 -12.88 -3.40 3.53
CA PHE A 238 -12.93 -1.92 3.48
C PHE A 238 -12.15 -1.40 2.26
N THR A 239 -11.35 -2.24 1.59
CA THR A 239 -10.72 -1.91 0.29
C THR A 239 -11.56 -2.46 -0.87
N LEU A 240 -12.77 -2.98 -0.61
CA LEU A 240 -13.65 -3.62 -1.62
C LEU A 240 -12.85 -4.66 -2.40
N GLY A 241 -12.19 -5.58 -1.70
CA GLY A 241 -11.52 -6.72 -2.33
C GLY A 241 -10.11 -6.37 -2.74
N GLY A 242 -9.46 -5.45 -2.01
CA GLY A 242 -8.07 -5.10 -2.30
C GLY A 242 -7.13 -6.25 -2.01
N SER A 243 -5.97 -6.24 -2.64
CA SER A 243 -4.92 -7.29 -2.53
C SER A 243 -3.91 -6.85 -1.46
N PRO A 244 -3.79 -7.54 -0.32
CA PRO A 244 -2.81 -7.13 0.69
C PRO A 244 -1.35 -7.24 0.22
N TYR A 245 -0.54 -6.24 0.56
CA TYR A 245 0.90 -6.19 0.20
C TYR A 245 1.07 -6.47 -1.29
N PRO A 246 0.48 -5.68 -2.20
CA PRO A 246 0.59 -5.95 -3.63
C PRO A 246 2.07 -5.79 -4.02
N GLY A 247 2.61 -6.76 -4.76
CA GLY A 247 3.99 -6.75 -5.28
C GLY A 247 5.01 -7.22 -4.28
N VAL A 248 4.59 -7.63 -3.08
CA VAL A 248 5.55 -8.09 -2.03
C VAL A 248 5.72 -9.60 -2.15
N PRO A 249 6.96 -10.08 -2.39
CA PRO A 249 7.23 -11.51 -2.35
C PRO A 249 7.40 -12.04 -0.92
N VAL A 250 7.45 -13.36 -0.78
CA VAL A 250 7.47 -14.07 0.53
C VAL A 250 8.63 -13.57 1.40
N GLU A 251 9.84 -13.42 0.85
CA GLU A 251 11.04 -13.06 1.67
C GLU A 251 10.87 -11.64 2.22
N GLU A 252 10.28 -10.74 1.44
CA GLU A 252 10.07 -9.33 1.85
C GLU A 252 8.93 -9.29 2.86
N LEU A 253 7.93 -10.15 2.72
CA LEU A 253 6.82 -10.17 3.70
C LEU A 253 7.37 -10.55 5.09
N PHE A 254 8.25 -11.55 5.16
CA PHE A 254 8.91 -11.98 6.41
C PHE A 254 9.58 -10.78 7.07
N LYS A 255 10.38 -10.02 6.32
CA LYS A 255 11.09 -8.83 6.84
C LYS A 255 10.05 -7.81 7.34
N LEU A 256 8.99 -7.58 6.58
CA LEU A 256 7.91 -6.64 7.02
C LEU A 256 7.36 -7.08 8.38
N LEU A 257 7.00 -8.36 8.53
CA LEU A 257 6.37 -8.87 9.78
C LEU A 257 7.37 -8.79 10.94
N LYS A 258 8.65 -9.10 10.72
CA LYS A 258 9.69 -9.05 11.77
C LYS A 258 9.83 -7.61 12.28
N GLU A 259 9.71 -6.63 11.38
CA GLU A 259 9.87 -5.18 11.65
C GLU A 259 8.60 -4.62 12.28
N GLY A 260 7.54 -5.42 12.37
CA GLY A 260 6.26 -4.99 12.96
C GLY A 260 5.50 -4.09 12.01
N HIS A 261 5.68 -4.22 10.70
CA HIS A 261 4.89 -3.46 9.71
C HIS A 261 3.40 -3.74 9.92
N ARG A 262 2.55 -2.72 9.76
CA ARG A 262 1.08 -2.84 9.71
C ARG A 262 0.54 -2.07 8.50
N MET A 263 -0.35 -2.69 7.74
CA MET A 263 -0.96 -2.10 6.53
C MET A 263 -1.64 -0.77 6.88
N ASP A 264 -1.60 0.15 5.94
CA ASP A 264 -2.20 1.51 6.03
C ASP A 264 -3.71 1.37 6.19
N LYS A 265 -4.33 2.36 6.79
CA LYS A 265 -5.80 2.46 6.90
C LYS A 265 -6.40 2.66 5.52
N PRO A 266 -7.36 1.81 5.09
CA PRO A 266 -8.09 2.07 3.84
C PRO A 266 -8.82 3.42 3.92
N SER A 267 -9.00 4.11 2.80
CA SER A 267 -9.89 5.30 2.72
C SER A 267 -11.30 4.77 2.95
N ASN A 268 -12.27 5.58 3.34
CA ASN A 268 -13.65 5.03 3.48
C ASN A 268 -13.57 3.85 4.47
N CYS A 269 -12.82 4.05 5.55
CA CYS A 269 -12.73 3.18 6.73
C CYS A 269 -12.64 4.10 7.94
N THR A 270 -13.48 3.91 8.96
CA THR A 270 -13.49 4.77 10.18
C THR A 270 -12.23 4.49 10.98
N ASN A 271 -11.86 5.42 11.85
CA ASN A 271 -10.76 5.23 12.82
C ASN A 271 -11.07 4.01 13.70
N GLU A 272 -12.34 3.81 14.05
CA GLU A 272 -12.76 2.74 14.96
C GLU A 272 -12.52 1.38 14.29
N LEU A 273 -12.86 1.24 13.01
CA LEU A 273 -12.68 -0.06 12.30
C LEU A 273 -11.19 -0.32 12.07
N TYR A 274 -10.41 0.73 11.80
CA TYR A 274 -8.95 0.57 11.62
C TYR A 274 -8.30 0.14 12.94
N MET A 275 -8.72 0.70 14.07
CA MET A 275 -8.20 0.28 15.39
C MET A 275 -8.60 -1.18 15.65
N MET A 276 -9.79 -1.59 15.22
CA MET A 276 -10.23 -3.01 15.30
C MET A 276 -9.24 -3.87 14.50
N MET A 277 -8.90 -3.49 13.26
CA MET A 277 -7.89 -4.23 12.45
C MET A 277 -6.57 -4.27 13.20
N ARG A 278 -6.09 -3.13 13.69
CA ARG A 278 -4.81 -3.09 14.43
C ARG A 278 -4.86 -4.01 15.66
N ASP A 279 -5.98 -4.07 16.39
CA ASP A 279 -6.15 -4.92 17.59
C ASP A 279 -6.07 -6.40 17.17
N CYS A 280 -6.69 -6.75 16.04
CA CYS A 280 -6.60 -8.12 15.47
C CYS A 280 -5.14 -8.47 15.16
N TRP A 281 -4.35 -7.46 14.78
CA TRP A 281 -2.93 -7.60 14.39
C TRP A 281 -2.00 -7.38 15.58
N HIS A 282 -2.47 -7.58 16.82
CA HIS A 282 -1.57 -7.48 18.00
C HIS A 282 -0.42 -8.47 17.85
N ALA A 283 0.82 -8.03 18.08
CA ALA A 283 2.02 -8.91 18.06
C ALA A 283 1.85 -10.02 19.10
N VAL A 284 1.17 -9.74 20.21
CA VAL A 284 0.96 -10.73 21.29
C VAL A 284 -0.41 -11.41 21.13
N PRO A 285 -0.46 -12.71 20.75
CA PRO A 285 -1.74 -13.39 20.48
C PRO A 285 -2.79 -13.22 21.58
N SER A 286 -2.36 -13.30 22.85
CA SER A 286 -3.27 -13.22 24.02
C SER A 286 -3.95 -11.85 24.08
N GLN A 287 -3.38 -10.83 23.43
CA GLN A 287 -3.88 -9.44 23.53
C GLN A 287 -4.83 -9.11 22.39
N ARG A 288 -4.98 -10.00 21.42
CA ARG A 288 -5.95 -9.80 20.32
C ARG A 288 -7.34 -9.93 20.94
N PRO A 289 -8.35 -9.25 20.35
CA PRO A 289 -9.74 -9.52 20.71
C PRO A 289 -10.09 -10.97 20.30
N THR A 290 -11.08 -11.54 20.96
CA THR A 290 -11.68 -12.83 20.54
C THR A 290 -12.75 -12.55 19.50
N PHE A 291 -13.21 -13.59 18.80
CA PHE A 291 -14.37 -13.45 17.89
C PHE A 291 -15.61 -13.06 18.70
N LYS A 292 -15.74 -13.54 19.94
CA LYS A 292 -16.91 -13.14 20.76
C LYS A 292 -16.91 -11.62 20.93
N GLN A 293 -15.75 -11.04 21.22
CA GLN A 293 -15.52 -9.58 21.38
CA GLN A 293 -15.59 -9.57 21.39
C GLN A 293 -15.85 -8.86 20.06
N LEU A 294 -15.30 -9.36 18.95
CA LEU A 294 -15.48 -8.75 17.61
C LEU A 294 -16.95 -8.76 17.22
N VAL A 295 -17.68 -9.83 17.50
CA VAL A 295 -19.13 -9.89 17.20
C VAL A 295 -19.86 -8.78 17.95
N GLU A 296 -19.65 -8.63 19.27
CA GLU A 296 -20.32 -7.59 20.09
C GLU A 296 -20.00 -6.18 19.52
N ASP A 297 -18.73 -5.92 19.24
CA ASP A 297 -18.28 -4.57 18.79
C ASP A 297 -18.87 -4.30 17.40
N LEU A 298 -18.82 -5.28 16.50
CA LEU A 298 -19.37 -5.10 15.15
C LEU A 298 -20.89 -4.97 15.22
N ASP A 299 -21.55 -5.64 16.17
CA ASP A 299 -23.02 -5.51 16.33
C ASP A 299 -23.36 -4.04 16.62
N ARG A 300 -22.65 -3.44 17.57
CA ARG A 300 -22.80 -2.01 17.97
C ARG A 300 -22.50 -1.11 16.77
N ILE A 301 -21.39 -1.33 16.06
CA ILE A 301 -20.97 -0.44 14.95
C ILE A 301 -22.00 -0.55 13.81
N VAL A 302 -22.49 -1.75 13.48
CA VAL A 302 -23.50 -1.90 12.40
C VAL A 302 -24.65 -0.94 12.65
N ALA A 303 -25.26 -1.01 13.84
CA ALA A 303 -26.42 -0.18 14.27
C ALA A 303 -26.11 1.32 14.11
N LEU A 304 -24.85 1.75 14.27
CA LEU A 304 -24.49 3.20 14.25
C LEU A 304 -23.95 3.63 12.87
N THR A 305 -23.80 2.70 11.93
CA THR A 305 -23.25 2.99 10.57
C THR A 305 -24.39 3.36 9.61
N SER A 306 -24.23 4.46 8.87
CA SER A 306 -25.18 4.96 7.84
C SER A 306 -25.28 3.97 6.66
N ASN A 307 -26.49 3.73 6.16
CA ASN A 307 -26.71 3.06 4.86
C ASN A 307 -27.03 4.10 3.77
N GLN A 308 -26.78 5.39 4.02
CA GLN A 308 -27.17 6.50 3.10
C GLN A 308 -26.05 6.78 2.08
N GLU A 309 -24.82 6.35 2.36
CA GLU A 309 -23.75 6.25 1.34
C GLU A 309 -22.87 5.05 1.67
N VAL B 4 41.32 23.22 -17.06
CA VAL B 4 42.24 24.13 -16.29
C VAL B 4 41.91 24.03 -14.80
N SER B 5 40.66 23.65 -14.47
CA SER B 5 40.08 23.50 -13.11
C SER B 5 40.91 22.57 -12.22
N GLU B 6 41.80 21.77 -12.81
CA GLU B 6 42.81 20.96 -12.09
C GLU B 6 43.63 21.85 -11.15
N TYR B 7 44.09 23.01 -11.62
CA TYR B 7 44.97 23.92 -10.85
C TYR B 7 44.24 25.18 -10.37
N GLU B 8 43.31 25.71 -11.16
CA GLU B 8 42.52 26.88 -10.68
C GLU B 8 41.18 26.89 -11.42
N LEU B 9 40.15 27.36 -10.73
CA LEU B 9 38.79 27.50 -11.31
C LEU B 9 38.67 28.89 -11.93
N PRO B 10 37.87 29.04 -13.00
CA PRO B 10 37.47 30.38 -13.48
C PRO B 10 36.92 31.22 -12.32
N GLU B 11 37.20 32.53 -12.32
CA GLU B 11 36.62 33.51 -11.36
C GLU B 11 35.20 33.91 -11.81
N ASP B 12 34.31 34.18 -10.85
CA ASP B 12 33.01 34.87 -11.09
C ASP B 12 32.81 35.83 -9.93
N PRO B 13 33.35 37.07 -10.03
CA PRO B 13 33.30 38.05 -8.95
C PRO B 13 31.90 38.35 -8.36
N ARG B 14 30.85 38.21 -9.16
CA ARG B 14 29.44 38.48 -8.75
C ARG B 14 29.02 37.54 -7.62
N TRP B 15 29.57 36.31 -7.57
CA TRP B 15 29.19 35.26 -6.58
C TRP B 15 30.27 35.01 -5.52
N GLU B 16 31.51 35.47 -5.76
CA GLU B 16 32.67 35.07 -4.94
C GLU B 16 32.54 35.66 -3.54
N LEU B 17 32.62 34.82 -2.51
CA LEU B 17 32.73 35.24 -1.10
C LEU B 17 34.15 34.96 -0.63
N PRO B 18 34.85 35.94 -0.02
CA PRO B 18 36.13 35.68 0.64
C PRO B 18 35.98 34.63 1.75
N ARG B 19 36.96 33.71 1.85
CA ARG B 19 36.92 32.53 2.75
C ARG B 19 36.89 32.96 4.23
N ASP B 20 37.42 34.14 4.56
CA ASP B 20 37.42 34.65 5.96
C ASP B 20 36.01 35.07 6.38
N ARG B 21 35.07 35.17 5.42
CA ARG B 21 33.66 35.54 5.68
C ARG B 21 32.78 34.28 5.75
N LEU B 22 33.38 33.09 5.72
CA LEU B 22 32.65 31.80 5.88
C LEU B 22 33.25 31.01 7.05
N VAL B 23 32.42 30.66 8.04
CA VAL B 23 32.84 29.78 9.17
C VAL B 23 32.10 28.44 9.06
N LEU B 24 32.83 27.37 8.75
CA LEU B 24 32.26 26.01 8.54
C LEU B 24 31.85 25.44 9.91
N GLY B 25 30.78 24.66 9.93
CA GLY B 25 30.23 24.05 11.15
C GLY B 25 29.89 22.59 10.92
N LYS B 26 28.78 22.14 11.52
CA LYS B 26 28.40 20.71 11.63
C LYS B 26 28.01 20.18 10.25
N PRO B 27 28.30 18.90 9.94
CA PRO B 27 27.76 18.26 8.73
C PRO B 27 26.23 18.22 8.70
N LEU B 28 25.63 18.41 7.53
CA LEU B 28 24.16 18.32 7.31
C LEU B 28 23.82 17.09 6.46
N GLY B 29 24.83 16.40 5.93
CA GLY B 29 24.62 15.24 5.04
C GLY B 29 25.76 15.06 4.05
N GLU B 30 25.72 13.97 3.29
CA GLU B 30 26.78 13.62 2.32
C GLU B 30 26.23 12.67 1.26
N GLY B 31 26.85 12.69 0.07
CA GLY B 31 26.68 11.72 -1.02
C GLY B 31 27.95 10.91 -1.19
N ALA B 32 28.15 10.29 -2.35
CA ALA B 32 29.33 9.42 -2.62
C ALA B 32 30.63 10.24 -2.51
N PHE B 33 30.73 11.38 -3.21
CA PHE B 33 31.98 12.19 -3.25
C PHE B 33 31.73 13.67 -2.90
N GLY B 34 30.54 14.02 -2.37
CA GLY B 34 30.18 15.37 -1.89
C GLY B 34 29.68 15.37 -0.46
N GLN B 35 29.79 16.51 0.24
CA GLN B 35 29.20 16.69 1.59
C GLN B 35 28.65 18.11 1.72
N VAL B 36 27.71 18.27 2.64
CA VAL B 36 27.05 19.56 2.95
C VAL B 36 27.28 19.84 4.43
N VAL B 37 27.71 21.04 4.76
CA VAL B 37 27.98 21.46 6.16
C VAL B 37 27.19 22.73 6.45
N LEU B 38 26.72 22.85 7.69
CA LEU B 38 26.15 24.11 8.20
C LEU B 38 27.32 25.07 8.30
N ALA B 39 27.11 26.34 7.93
CA ALA B 39 28.12 27.39 8.04
C ALA B 39 27.43 28.71 8.41
N GLU B 40 28.25 29.67 8.84
CA GLU B 40 27.87 31.08 9.09
C GLU B 40 28.63 31.92 8.07
N ALA B 41 27.89 32.67 7.26
CA ALA B 41 28.46 33.55 6.22
C ALA B 41 28.30 35.01 6.67
N ILE B 42 29.39 35.78 6.66
CA ILE B 42 29.41 37.20 7.12
C ILE B 42 29.34 38.10 5.89
N GLY B 43 28.40 39.05 5.88
CA GLY B 43 28.29 40.09 4.84
C GLY B 43 28.01 39.49 3.47
N LEU B 44 27.14 38.49 3.41
CA LEU B 44 26.66 37.87 2.13
C LEU B 44 26.20 38.96 1.17
N ASP B 45 25.47 39.96 1.72
CA ASP B 45 24.85 41.09 0.98
C ASP B 45 25.72 42.35 1.10
N LYS B 46 25.90 43.07 -0.02
CA LYS B 46 26.60 44.37 -0.10
C LYS B 46 26.05 45.31 1.00
N ASP B 47 24.72 45.30 1.21
CA ASP B 47 23.98 46.15 2.17
C ASP B 47 24.53 46.00 3.60
N LYS B 48 24.59 44.78 4.14
CA LYS B 48 24.90 44.50 5.57
C LYS B 48 26.16 43.63 5.69
N PRO B 49 27.37 44.20 5.51
CA PRO B 49 28.62 43.42 5.57
C PRO B 49 28.96 42.75 6.90
N ASN B 50 28.24 43.06 7.97
CA ASN B 50 28.44 42.45 9.32
C ASN B 50 27.30 41.50 9.67
N ARG B 51 26.24 41.41 8.85
CA ARG B 51 25.14 40.42 9.01
C ARG B 51 25.71 39.00 8.87
N VAL B 52 25.43 38.11 9.83
CA VAL B 52 25.74 36.65 9.75
C VAL B 52 24.49 35.91 9.29
N THR B 53 24.63 35.10 8.24
CA THR B 53 23.56 34.22 7.69
C THR B 53 23.98 32.77 7.95
N LYS B 54 23.12 31.98 8.58
CA LYS B 54 23.24 30.50 8.57
C LYS B 54 23.03 30.03 7.13
N VAL B 55 23.99 29.27 6.59
CA VAL B 55 23.95 28.78 5.19
C VAL B 55 24.30 27.30 5.18
N ALA B 56 24.04 26.63 4.06
CA ALA B 56 24.50 25.26 3.77
C ALA B 56 25.63 25.37 2.75
N VAL B 57 26.74 24.67 2.99
CA VAL B 57 27.89 24.70 2.06
C VAL B 57 28.10 23.30 1.49
N LYS B 58 28.01 23.19 0.17
CA LYS B 58 28.33 21.94 -0.53
C LYS B 58 29.79 22.00 -1.00
N MET B 59 30.51 20.89 -0.85
CA MET B 59 31.95 20.81 -1.14
C MET B 59 32.27 19.36 -1.48
N LEU B 60 33.42 19.11 -2.07
CA LEU B 60 33.86 17.73 -2.38
C LEU B 60 34.30 17.03 -1.11
N LYS B 61 34.24 15.70 -1.09
CA LYS B 61 34.95 14.93 -0.04
C LYS B 61 36.41 14.80 -0.46
N SER B 62 37.25 14.33 0.46
CA SER B 62 38.72 14.31 0.30
C SER B 62 39.11 13.20 -0.70
N ASP B 63 38.18 12.28 -1.01
CA ASP B 63 38.43 11.19 -1.98
C ASP B 63 37.84 11.52 -3.37
N ALA B 64 37.36 12.75 -3.63
CA ALA B 64 36.73 13.13 -4.91
C ALA B 64 37.75 13.20 -6.05
N THR B 65 37.30 12.99 -7.30
CA THR B 65 38.12 13.06 -8.54
C THR B 65 37.80 14.35 -9.31
N GLU B 66 38.56 14.61 -10.38
CA GLU B 66 38.34 15.75 -11.32
C GLU B 66 36.88 15.70 -11.83
N LYS B 67 36.31 14.52 -12.03
CA LYS B 67 34.92 14.31 -12.53
C LYS B 67 33.92 14.79 -11.47
N ASP B 68 34.19 14.54 -10.19
CA ASP B 68 33.33 15.03 -9.07
C ASP B 68 33.38 16.55 -9.02
N LEU B 69 34.56 17.14 -9.22
CA LEU B 69 34.71 18.61 -9.24
C LEU B 69 33.89 19.20 -10.41
N SER B 70 33.98 18.61 -11.61
CA SER B 70 33.21 19.05 -12.80
C SER B 70 31.70 19.02 -12.48
N ASP B 71 31.25 17.98 -11.75
CA ASP B 71 29.82 17.81 -11.37
C ASP B 71 29.40 18.94 -10.42
N LEU B 72 30.23 19.25 -9.44
CA LEU B 72 29.89 20.31 -8.45
C LEU B 72 29.89 21.67 -9.17
N ILE B 73 30.86 21.92 -10.06
CA ILE B 73 30.89 23.19 -10.85
C ILE B 73 29.60 23.28 -11.68
N SER B 74 29.22 22.21 -12.38
CA SER B 74 28.02 22.19 -13.26
C SER B 74 26.78 22.53 -12.44
N GLU B 75 26.68 22.00 -11.22
CA GLU B 75 25.50 22.22 -10.35
C GLU B 75 25.48 23.71 -10.00
N MET B 76 26.62 24.27 -9.58
CA MET B 76 26.72 25.71 -9.23
C MET B 76 26.35 26.56 -10.46
N GLU B 77 26.85 26.18 -11.65
CA GLU B 77 26.62 26.92 -12.91
C GLU B 77 25.14 26.81 -13.30
N MET B 78 24.53 25.65 -13.14
CA MET B 78 23.08 25.45 -13.43
C MET B 78 22.24 26.32 -12.49
N MET B 79 22.60 26.44 -11.20
CA MET B 79 21.85 27.30 -10.24
C MET B 79 21.92 28.76 -10.70
N LYS B 80 23.07 29.23 -11.19
CA LYS B 80 23.18 30.63 -11.68
C LYS B 80 22.22 30.83 -12.86
N MET B 81 22.17 29.90 -13.81
CA MET B 81 21.34 30.00 -15.02
C MET B 81 19.85 29.97 -14.63
N ILE B 82 19.49 29.22 -13.60
CA ILE B 82 18.07 28.99 -13.22
C ILE B 82 17.53 30.24 -12.52
N GLY B 83 18.36 30.88 -11.70
CA GLY B 83 17.96 32.09 -10.95
C GLY B 83 17.11 31.75 -9.74
N LYS B 84 16.60 32.80 -9.10
CA LYS B 84 16.05 32.78 -7.72
C LYS B 84 14.56 32.47 -7.77
N HIS B 85 14.09 31.66 -6.84
CA HIS B 85 12.64 31.43 -6.60
C HIS B 85 12.46 31.05 -5.14
N LYS B 86 11.37 31.52 -4.52
CA LYS B 86 11.07 31.28 -3.08
C LYS B 86 11.05 29.77 -2.77
N ASN B 87 10.62 28.92 -3.71
CA ASN B 87 10.31 27.50 -3.44
C ASN B 87 11.39 26.59 -4.04
N ILE B 88 12.60 27.12 -4.20
CA ILE B 88 13.82 26.31 -4.53
C ILE B 88 14.91 26.74 -3.55
N ILE B 89 15.85 25.82 -3.30
CA ILE B 89 17.11 26.16 -2.58
C ILE B 89 17.94 27.07 -3.48
N ASN B 90 18.21 28.30 -3.03
CA ASN B 90 18.87 29.31 -3.89
C ASN B 90 20.39 29.32 -3.64
N LEU B 91 21.16 29.58 -4.70
CA LEU B 91 22.62 29.89 -4.63
C LEU B 91 22.81 31.26 -3.96
N LEU B 92 23.67 31.35 -2.94
CA LEU B 92 23.95 32.60 -2.19
C LEU B 92 25.36 33.10 -2.48
N GLY B 93 26.27 32.19 -2.84
CA GLY B 93 27.69 32.56 -3.03
C GLY B 93 28.55 31.35 -3.27
N ALA B 94 29.85 31.57 -3.44
CA ALA B 94 30.81 30.48 -3.70
C ALA B 94 32.22 30.93 -3.32
N CYS B 95 33.01 30.01 -2.80
CA CYS B 95 34.49 30.13 -2.71
C CYS B 95 35.08 29.23 -3.79
N THR B 96 35.62 29.80 -4.87
CA THR B 96 36.14 29.02 -6.03
C THR B 96 37.66 29.15 -6.10
N GLN B 97 38.22 30.20 -5.50
CA GLN B 97 39.64 30.59 -5.65
C GLN B 97 40.46 30.11 -4.45
N ASP B 98 41.72 29.74 -4.67
CA ASP B 98 42.71 29.55 -3.58
C ASP B 98 42.17 28.54 -2.56
N GLY B 99 41.80 27.35 -3.02
CA GLY B 99 41.35 26.27 -2.12
C GLY B 99 40.06 25.62 -2.61
N PRO B 100 39.51 24.69 -1.80
CA PRO B 100 38.42 23.81 -2.25
C PRO B 100 37.17 24.60 -2.64
N LEU B 101 36.45 24.09 -3.64
CA LEU B 101 35.19 24.70 -4.10
C LEU B 101 34.15 24.57 -2.99
N TYR B 102 33.61 25.70 -2.55
CA TYR B 102 32.43 25.78 -1.66
C TYR B 102 31.28 26.42 -2.42
N VAL B 103 30.15 25.71 -2.50
CA VAL B 103 28.91 26.22 -3.12
C VAL B 103 27.94 26.52 -1.99
N ILE B 104 27.66 27.80 -1.80
CA ILE B 104 26.94 28.30 -0.60
C ILE B 104 25.49 28.45 -1.03
N VAL B 105 24.60 27.78 -0.32
CA VAL B 105 23.15 27.77 -0.69
C VAL B 105 22.33 27.99 0.58
N GLU B 106 21.04 28.24 0.39
CA GLU B 106 20.09 28.44 1.50
C GLU B 106 20.08 27.24 2.44
N TYR B 107 19.96 27.53 3.73
CA TYR B 107 19.85 26.53 4.82
C TYR B 107 18.36 26.37 5.19
N ALA B 108 17.89 25.13 5.24
CA ALA B 108 16.49 24.78 5.58
C ALA B 108 16.47 24.08 6.94
N SER B 109 16.24 24.84 8.01
CA SER B 109 16.47 24.40 9.41
C SER B 109 15.58 23.21 9.78
N LYS B 110 14.44 23.01 9.12
CA LYS B 110 13.46 21.97 9.53
C LYS B 110 13.64 20.67 8.73
N GLY B 111 14.70 20.56 7.93
CA GLY B 111 15.13 19.31 7.26
C GLY B 111 14.25 18.99 6.06
N ASN B 112 14.22 17.73 5.65
CA ASN B 112 13.50 17.35 4.42
C ASN B 112 12.02 17.18 4.77
N LEU B 113 11.17 17.22 3.75
CA LEU B 113 9.70 17.20 3.91
C LEU B 113 9.24 15.86 4.51
N ARG B 114 9.88 14.73 4.17
CA ARG B 114 9.49 13.42 4.73
C ARG B 114 9.58 13.49 6.26
N GLU B 115 10.73 13.89 6.77
CA GLU B 115 11.01 14.03 8.23
C GLU B 115 10.04 15.02 8.85
N TYR B 116 9.84 16.16 8.20
CA TYR B 116 8.94 17.26 8.65
C TYR B 116 7.51 16.71 8.84
N LEU B 117 7.02 15.94 7.87
CA LEU B 117 5.66 15.31 7.94
C LEU B 117 5.62 14.26 9.05
N GLN B 118 6.62 13.39 9.11
CA GLN B 118 6.66 12.23 10.03
C GLN B 118 6.62 12.74 11.48
N ALA B 119 7.27 13.88 11.77
CA ALA B 119 7.39 14.44 13.14
C ALA B 119 6.12 15.18 13.53
N ARG B 120 5.20 15.44 12.59
CA ARG B 120 3.97 16.23 12.87
C ARG B 120 2.73 15.33 12.72
N ARG B 121 2.89 14.01 12.77
CA ARG B 121 1.76 13.04 12.83
C ARG B 121 1.14 13.12 14.23
N PRO B 122 -0.20 13.13 14.39
CA PRO B 122 -0.83 13.23 15.71
C PRO B 122 -0.52 12.03 16.61
N GLU B 137 3.32 21.44 16.50
CA GLU B 137 3.27 21.93 15.08
C GLU B 137 2.48 20.94 14.20
N GLN B 138 1.41 20.35 14.72
CA GLN B 138 0.52 19.45 13.93
C GLN B 138 0.02 20.20 12.69
N LEU B 139 -0.07 19.51 11.55
CA LEU B 139 -0.43 20.12 10.24
C LEU B 139 -1.94 19.97 10.02
N SER B 140 -2.58 21.06 9.59
CA SER B 140 -4.00 21.10 9.11
C SER B 140 -4.07 20.55 7.69
N SER B 141 -5.28 20.22 7.22
CA SER B 141 -5.59 19.83 5.82
C SER B 141 -5.11 20.94 4.87
N LYS B 142 -5.35 22.20 5.25
CA LYS B 142 -4.93 23.40 4.48
C LYS B 142 -3.39 23.42 4.43
N ASP B 143 -2.71 23.18 5.56
CA ASP B 143 -1.23 23.10 5.63
C ASP B 143 -0.71 22.08 4.61
N LEU B 144 -1.35 20.91 4.50
CA LEU B 144 -0.88 19.83 3.61
C LEU B 144 -1.08 20.25 2.15
N VAL B 145 -2.22 20.82 1.80
CA VAL B 145 -2.43 21.28 0.39
C VAL B 145 -1.41 22.39 0.09
N SER B 146 -1.12 23.24 1.09
CA SER B 146 -0.21 24.40 0.96
C SER B 146 1.19 23.89 0.67
N CYS B 147 1.61 22.85 1.40
N CYS B 147 1.63 22.85 1.38
CA CYS B 147 2.85 22.09 1.10
CA CYS B 147 2.89 22.12 1.08
C CYS B 147 2.89 21.72 -0.38
C CYS B 147 2.90 21.72 -0.40
N ALA B 148 1.85 21.04 -0.87
CA ALA B 148 1.73 20.55 -2.27
C ALA B 148 1.82 21.73 -3.24
N TYR B 149 1.08 22.80 -2.96
CA TYR B 149 1.09 24.03 -3.80
C TYR B 149 2.51 24.62 -3.90
N GLN B 150 3.15 24.86 -2.76
CA GLN B 150 4.54 25.40 -2.72
C GLN B 150 5.48 24.55 -3.56
N VAL B 151 5.45 23.22 -3.39
CA VAL B 151 6.31 22.31 -4.21
C VAL B 151 5.91 22.46 -5.68
N ALA B 152 4.62 22.54 -6.00
CA ALA B 152 4.16 22.71 -7.39
C ALA B 152 4.71 24.01 -7.96
N ARG B 153 4.72 25.09 -7.17
CA ARG B 153 5.16 26.43 -7.61
C ARG B 153 6.67 26.38 -7.89
N GLY B 154 7.42 25.67 -7.06
CA GLY B 154 8.89 25.52 -7.23
C GLY B 154 9.16 24.76 -8.50
N MET B 155 8.39 23.71 -8.75
CA MET B 155 8.57 22.83 -9.92
C MET B 155 8.14 23.58 -11.19
N GLU B 156 7.08 24.37 -11.12
CA GLU B 156 6.63 25.24 -12.25
C GLU B 156 7.78 26.17 -12.64
N TYR B 157 8.41 26.82 -11.64
CA TYR B 157 9.53 27.76 -11.87
C TYR B 157 10.66 26.98 -12.54
N LEU B 158 11.02 25.82 -11.97
CA LEU B 158 12.16 25.03 -12.49
C LEU B 158 11.85 24.61 -13.93
N ALA B 159 10.64 24.14 -14.20
CA ALA B 159 10.24 23.68 -15.56
C ALA B 159 10.28 24.89 -16.53
N SER B 160 10.02 26.12 -16.05
CA SER B 160 10.05 27.37 -16.86
C SER B 160 11.50 27.69 -17.25
N LYS B 161 12.48 27.12 -16.53
CA LYS B 161 13.93 27.36 -16.75
C LYS B 161 14.61 26.12 -17.32
N LYS B 162 13.81 25.20 -17.88
CA LYS B 162 14.27 23.97 -18.61
C LYS B 162 14.97 22.99 -17.67
N CYS B 163 14.69 23.08 -16.38
CA CYS B 163 15.29 22.19 -15.34
C CYS B 163 14.36 21.00 -15.13
N ILE B 164 14.85 19.79 -15.46
CA ILE B 164 14.19 18.50 -15.14
C ILE B 164 14.85 17.96 -13.87
N HIS B 165 14.08 17.73 -12.81
CA HIS B 165 14.63 17.29 -11.52
C HIS B 165 15.18 15.87 -11.64
N ARG B 166 14.31 14.92 -12.01
CA ARG B 166 14.60 13.48 -12.21
C ARG B 166 14.48 12.67 -10.90
N ASP B 167 14.51 13.30 -9.72
CA ASP B 167 14.29 12.56 -8.45
C ASP B 167 13.43 13.43 -7.52
N LEU B 168 12.33 13.95 -8.04
CA LEU B 168 11.42 14.76 -7.21
C LEU B 168 10.76 13.79 -6.22
N ALA B 169 10.91 14.08 -4.94
CA ALA B 169 10.43 13.24 -3.82
C ALA B 169 10.52 14.07 -2.55
N ALA B 170 9.73 13.75 -1.54
CA ALA B 170 9.73 14.51 -0.28
C ALA B 170 11.16 14.63 0.27
N ARG B 171 11.99 13.60 0.12
CA ARG B 171 13.41 13.64 0.61
C ARG B 171 14.17 14.81 -0.03
N ASN B 172 13.74 15.32 -1.20
CA ASN B 172 14.47 16.36 -1.97
C ASN B 172 13.69 17.67 -1.90
N VAL B 173 12.81 17.79 -0.92
CA VAL B 173 12.15 19.06 -0.55
C VAL B 173 12.61 19.39 0.87
N LEU B 174 13.13 20.58 1.08
CA LEU B 174 13.58 21.03 2.40
C LEU B 174 12.61 22.09 2.90
N VAL B 175 12.52 22.22 4.22
CA VAL B 175 11.57 23.12 4.90
C VAL B 175 12.39 24.11 5.74
N THR B 176 12.14 25.39 5.55
CA THR B 176 12.86 26.50 6.24
C THR B 176 12.27 26.71 7.63
N GLU B 177 12.95 27.53 8.43
CA GLU B 177 12.49 27.99 9.76
C GLU B 177 11.03 28.44 9.70
N ASP B 178 10.65 29.15 8.62
CA ASP B 178 9.28 29.72 8.45
C ASP B 178 8.41 28.82 7.55
N ASN B 179 8.69 27.51 7.51
CA ASN B 179 7.81 26.49 6.90
C ASN B 179 7.67 26.71 5.40
N VAL B 180 8.65 27.32 4.73
CA VAL B 180 8.68 27.44 3.25
C VAL B 180 9.24 26.15 2.64
N MET B 181 8.53 25.57 1.69
CA MET B 181 8.96 24.37 0.91
C MET B 181 9.98 24.83 -0.15
N LYS B 182 11.15 24.18 -0.19
CA LYS B 182 12.23 24.50 -1.16
C LYS B 182 12.72 23.21 -1.82
N ILE B 183 12.57 23.12 -3.14
CA ILE B 183 13.09 21.99 -3.95
C ILE B 183 14.62 22.02 -3.81
N ALA B 184 15.23 20.87 -3.52
CA ALA B 184 16.69 20.73 -3.38
C ALA B 184 17.20 19.78 -4.46
N ASP B 185 18.49 19.85 -4.80
CA ASP B 185 19.15 18.82 -5.63
C ASP B 185 18.59 18.85 -7.06
N PHE B 186 18.06 19.99 -7.51
CA PHE B 186 17.55 20.18 -8.88
C PHE B 186 18.73 20.43 -9.83
N GLY B 187 19.87 20.86 -9.29
CA GLY B 187 21.08 21.19 -10.07
C GLY B 187 22.01 20.01 -10.27
N LEU B 188 21.73 18.86 -9.64
CA LEU B 188 22.64 17.67 -9.65
C LEU B 188 22.91 17.22 -11.10
N ALA B 189 24.14 16.76 -11.35
CA ALA B 189 24.61 16.29 -12.67
C ALA B 189 24.54 14.75 -12.72
N ARG B 190 23.33 14.19 -12.62
CA ARG B 190 23.08 12.73 -12.50
C ARG B 190 23.49 12.01 -13.79
N ASP B 191 24.05 10.81 -13.66
CA ASP B 191 24.41 9.88 -14.78
C ASP B 191 23.25 8.90 -14.96
N ILE B 192 22.25 9.27 -15.76
CA ILE B 192 20.94 8.55 -15.90
C ILE B 192 21.15 7.23 -16.68
N HIS B 193 22.18 7.15 -17.53
CA HIS B 193 22.50 5.97 -18.38
C HIS B 193 23.38 4.96 -17.61
N HIS B 194 23.42 5.07 -16.28
CA HIS B 194 24.08 4.10 -15.36
C HIS B 194 23.50 4.24 -13.95
N ILE B 195 22.15 4.18 -13.83
CA ILE B 195 21.41 4.36 -12.55
C ILE B 195 21.24 2.99 -11.88
N ASP B 196 21.86 2.79 -10.71
CA ASP B 196 21.72 1.55 -9.89
C ASP B 196 20.30 1.54 -9.30
N TYR B 197 19.40 0.76 -9.90
CA TYR B 197 17.98 0.63 -9.53
C TYR B 197 17.84 0.02 -8.13
N TYR B 198 18.88 -0.63 -7.62
CA TYR B 198 18.87 -1.39 -6.34
C TYR B 198 19.42 -0.53 -5.19
N LYS B 199 20.07 0.59 -5.51
CA LYS B 199 20.66 1.50 -4.48
C LYS B 199 19.51 2.15 -3.70
N LYS B 200 19.53 1.98 -2.38
CA LYS B 200 18.50 2.54 -1.47
C LYS B 200 18.95 3.92 -1.00
N THR B 201 18.01 4.76 -0.57
CA THR B 201 18.28 6.02 0.15
C THR B 201 18.81 5.69 1.54
N THR B 202 19.40 6.67 2.23
CA THR B 202 19.77 6.61 3.66
C THR B 202 18.68 5.92 4.47
N ASN B 203 17.43 6.35 4.27
CA ASN B 203 16.23 5.93 5.04
C ASN B 203 15.79 4.53 4.61
N GLY B 204 16.44 3.92 3.62
CA GLY B 204 16.26 2.50 3.24
C GLY B 204 15.18 2.28 2.17
N ARG B 205 14.89 3.28 1.34
CA ARG B 205 13.82 3.22 0.31
C ARG B 205 14.43 3.23 -1.12
N LEU B 206 13.66 2.76 -2.09
CA LEU B 206 14.09 2.65 -3.51
C LEU B 206 13.55 3.83 -4.33
N PRO B 207 14.42 4.75 -4.79
CA PRO B 207 13.98 5.89 -5.60
C PRO B 207 13.23 5.57 -6.89
N VAL B 208 13.39 4.36 -7.43
CA VAL B 208 12.65 3.91 -8.64
C VAL B 208 11.13 4.04 -8.38
N LYS B 209 10.70 4.01 -7.11
CA LYS B 209 9.26 4.09 -6.74
C LYS B 209 8.69 5.49 -7.03
N TRP B 210 9.54 6.47 -7.39
CA TRP B 210 9.10 7.84 -7.77
C TRP B 210 9.20 8.06 -9.29
N MET B 211 9.75 7.11 -10.04
CA MET B 211 10.07 7.29 -11.49
C MET B 211 8.84 7.00 -12.35
N ALA B 212 8.49 7.93 -13.25
CA ALA B 212 7.54 7.73 -14.37
C ALA B 212 7.89 6.45 -15.12
N PRO B 213 6.91 5.69 -15.65
CA PRO B 213 7.23 4.45 -16.37
C PRO B 213 8.14 4.72 -17.58
N GLU B 214 7.90 5.81 -18.32
CA GLU B 214 8.71 6.12 -19.53
C GLU B 214 10.16 6.39 -19.11
N ALA B 215 10.40 6.92 -17.91
CA ALA B 215 11.76 7.14 -17.34
C ALA B 215 12.34 5.81 -16.84
N LEU B 216 11.52 4.96 -16.21
CA LEU B 216 11.98 3.70 -15.57
C LEU B 216 12.30 2.66 -16.65
N PHE B 217 11.42 2.52 -17.66
CA PHE B 217 11.59 1.54 -18.77
C PHE B 217 12.51 2.13 -19.85
N ASP B 218 12.11 3.25 -20.45
CA ASP B 218 12.70 3.79 -21.72
C ASP B 218 13.81 4.81 -21.42
N ARG B 219 13.93 5.29 -20.17
CA ARG B 219 14.94 6.29 -19.74
C ARG B 219 14.62 7.66 -20.36
N ILE B 220 13.33 7.94 -20.60
CA ILE B 220 12.79 9.25 -21.10
C ILE B 220 12.39 10.12 -19.90
N TYR B 221 13.18 11.15 -19.61
CA TYR B 221 12.93 12.16 -18.53
C TYR B 221 12.47 13.48 -19.15
N THR B 222 11.20 13.86 -18.95
CA THR B 222 10.62 15.16 -19.37
C THR B 222 10.14 15.92 -18.14
N HIS B 223 9.57 17.12 -18.34
CA HIS B 223 8.85 17.85 -17.27
C HIS B 223 7.63 17.04 -16.81
N GLN B 224 7.07 16.23 -17.72
CA GLN B 224 5.87 15.39 -17.45
C GLN B 224 6.29 14.15 -16.64
N SER B 225 7.51 13.65 -16.77
CA SER B 225 8.02 12.54 -15.92
C SER B 225 8.23 13.06 -14.48
N ASP B 226 8.57 14.34 -14.33
CA ASP B 226 8.62 15.01 -13.00
C ASP B 226 7.19 15.12 -12.45
N VAL B 227 6.19 15.30 -13.32
CA VAL B 227 4.78 15.43 -12.87
C VAL B 227 4.36 14.08 -12.25
N TRP B 228 4.73 12.96 -12.87
CA TRP B 228 4.48 11.62 -12.27
C TRP B 228 5.05 11.59 -10.84
N SER B 229 6.32 11.97 -10.68
CA SER B 229 7.05 11.97 -9.40
C SER B 229 6.30 12.83 -8.40
N PHE B 230 5.78 13.96 -8.88
CA PHE B 230 5.00 14.91 -8.06
C PHE B 230 3.75 14.21 -7.53
N GLY B 231 3.14 13.31 -8.34
CA GLY B 231 2.03 12.47 -7.90
C GLY B 231 2.42 11.65 -6.68
N VAL B 232 3.59 11.02 -6.73
CA VAL B 232 4.09 10.19 -5.61
C VAL B 232 4.33 11.14 -4.44
N LEU B 233 4.90 12.30 -4.70
CA LEU B 233 5.14 13.30 -3.62
C LEU B 233 3.81 13.70 -2.98
N LEU B 234 2.74 13.91 -3.77
CA LEU B 234 1.41 14.22 -3.19
C LEU B 234 1.00 13.09 -2.23
N TRP B 235 1.19 11.86 -2.66
CA TRP B 235 0.84 10.68 -1.85
C TRP B 235 1.63 10.71 -0.53
N GLU B 236 2.93 11.03 -0.60
CA GLU B 236 3.79 11.18 0.59
C GLU B 236 3.22 12.26 1.52
N ILE B 237 2.78 13.37 0.95
CA ILE B 237 2.22 14.49 1.76
C ILE B 237 0.98 13.94 2.47
N PHE B 238 0.06 13.28 1.76
CA PHE B 238 -1.27 12.96 2.34
C PHE B 238 -1.22 11.69 3.20
N THR B 239 -0.13 10.92 3.13
CA THR B 239 0.21 9.83 4.10
C THR B 239 1.14 10.34 5.21
N LEU B 240 1.42 11.64 5.29
CA LEU B 240 2.31 12.23 6.33
C LEU B 240 3.64 11.48 6.36
N GLY B 241 4.25 11.27 5.18
CA GLY B 241 5.61 10.73 5.08
C GLY B 241 5.58 9.22 4.96
N GLY B 242 4.48 8.69 4.42
CA GLY B 242 4.33 7.27 4.08
C GLY B 242 5.39 6.79 3.11
N SER B 243 5.68 5.49 3.16
CA SER B 243 6.65 4.80 2.27
C SER B 243 5.86 4.16 1.13
N PRO B 244 6.08 4.57 -0.14
CA PRO B 244 5.38 3.95 -1.25
C PRO B 244 5.83 2.48 -1.42
N TYR B 245 4.89 1.59 -1.68
CA TYR B 245 5.18 0.16 -2.02
C TYR B 245 6.13 -0.46 -1.00
N PRO B 246 5.77 -0.46 0.31
CA PRO B 246 6.65 -1.03 1.33
C PRO B 246 6.82 -2.53 1.03
N GLY B 247 8.07 -3.02 1.05
CA GLY B 247 8.43 -4.44 0.85
C GLY B 247 8.50 -4.85 -0.62
N VAL B 248 8.23 -3.95 -1.56
CA VAL B 248 8.22 -4.28 -3.02
C VAL B 248 9.63 -4.09 -3.58
N PRO B 249 10.32 -5.16 -4.06
CA PRO B 249 11.61 -5.01 -4.71
C PRO B 249 11.45 -4.54 -6.17
N VAL B 250 12.57 -4.14 -6.77
CA VAL B 250 12.60 -3.50 -8.11
C VAL B 250 11.80 -4.32 -9.11
N GLU B 251 12.03 -5.63 -9.17
CA GLU B 251 11.49 -6.50 -10.24
C GLU B 251 9.96 -6.53 -10.11
N GLU B 252 9.44 -6.54 -8.89
CA GLU B 252 7.98 -6.57 -8.65
C GLU B 252 7.37 -5.21 -9.00
N LEU B 253 8.10 -4.11 -8.77
CA LEU B 253 7.60 -2.76 -9.12
C LEU B 253 7.35 -2.67 -10.63
N PHE B 254 8.32 -3.11 -11.41
CA PHE B 254 8.23 -3.20 -12.90
C PHE B 254 6.93 -3.92 -13.25
N LYS B 255 6.71 -5.06 -12.62
CA LYS B 255 5.50 -5.90 -12.85
C LYS B 255 4.26 -5.08 -12.48
N LEU B 256 4.24 -4.36 -11.35
CA LEU B 256 3.05 -3.56 -10.94
C LEU B 256 2.75 -2.48 -11.98
N LEU B 257 3.76 -1.73 -12.42
CA LEU B 257 3.59 -0.65 -13.41
C LEU B 257 3.09 -1.25 -14.74
N LYS B 258 3.66 -2.37 -15.18
CA LYS B 258 3.22 -3.14 -16.38
C LYS B 258 1.72 -3.45 -16.29
N GLU B 259 1.22 -3.80 -15.10
CA GLU B 259 -0.21 -4.18 -14.88
C GLU B 259 -1.08 -2.94 -14.70
N GLY B 260 -0.50 -1.73 -14.77
CA GLY B 260 -1.25 -0.48 -14.58
C GLY B 260 -1.65 -0.27 -13.13
N HIS B 261 -0.95 -0.93 -12.21
CA HIS B 261 -1.21 -0.78 -10.76
C HIS B 261 -1.09 0.71 -10.41
N ARG B 262 -2.02 1.21 -9.60
CA ARG B 262 -1.92 2.56 -8.99
C ARG B 262 -2.15 2.42 -7.48
N MET B 263 -1.33 3.09 -6.68
CA MET B 263 -1.47 3.10 -5.20
C MET B 263 -2.90 3.53 -4.85
N ASP B 264 -3.44 2.97 -3.77
CA ASP B 264 -4.80 3.28 -3.28
C ASP B 264 -4.82 4.72 -2.78
N LYS B 265 -6.00 5.30 -2.69
CA LYS B 265 -6.23 6.61 -2.05
C LYS B 265 -5.84 6.52 -0.57
N PRO B 266 -4.92 7.37 -0.07
CA PRO B 266 -4.70 7.47 1.37
C PRO B 266 -6.00 7.86 2.08
N SER B 267 -6.15 7.43 3.33
CA SER B 267 -7.23 7.92 4.24
C SER B 267 -6.97 9.42 4.47
N ASN B 268 -7.98 10.21 4.83
CA ASN B 268 -7.77 11.67 5.03
C ASN B 268 -7.13 12.26 3.77
N CYS B 269 -7.75 11.97 2.63
CA CYS B 269 -7.42 12.50 1.29
C CYS B 269 -8.75 12.63 0.53
N THR B 270 -9.04 13.80 -0.02
CA THR B 270 -10.29 14.06 -0.79
C THR B 270 -10.24 13.27 -2.09
N ASN B 271 -11.39 12.93 -2.68
CA ASN B 271 -11.46 12.33 -4.04
C ASN B 271 -10.70 13.22 -5.03
N GLU B 272 -10.76 14.54 -4.81
CA GLU B 272 -10.22 15.59 -5.72
C GLU B 272 -8.70 15.42 -5.79
N LEU B 273 -8.06 15.36 -4.63
CA LEU B 273 -6.58 15.28 -4.51
C LEU B 273 -6.13 13.90 -4.95
N TYR B 274 -6.95 12.86 -4.74
CA TYR B 274 -6.64 11.52 -5.30
C TYR B 274 -6.74 11.56 -6.83
N MET B 275 -7.74 12.23 -7.42
CA MET B 275 -7.83 12.30 -8.92
C MET B 275 -6.58 13.02 -9.44
N MET B 276 -6.11 14.05 -8.74
CA MET B 276 -4.89 14.80 -9.14
C MET B 276 -3.70 13.84 -9.12
N MET B 277 -3.56 13.06 -8.05
CA MET B 277 -2.55 11.97 -8.00
C MET B 277 -2.69 11.10 -9.23
N ARG B 278 -3.89 10.55 -9.46
CA ARG B 278 -4.13 9.57 -10.55
C ARG B 278 -3.86 10.23 -11.91
N ASP B 279 -4.20 11.51 -12.07
CA ASP B 279 -3.95 12.30 -13.32
C ASP B 279 -2.44 12.42 -13.54
N CYS B 280 -1.69 12.72 -12.47
CA CYS B 280 -0.21 12.74 -12.49
C CYS B 280 0.33 11.39 -12.92
N TRP B 281 -0.41 10.30 -12.67
CA TRP B 281 0.02 8.91 -12.96
C TRP B 281 -0.57 8.38 -14.28
N HIS B 282 -1.11 9.24 -15.14
CA HIS B 282 -1.58 8.82 -16.49
C HIS B 282 -0.40 8.13 -17.19
N ALA B 283 -0.61 6.98 -17.83
CA ALA B 283 0.44 6.24 -18.55
C ALA B 283 0.98 7.10 -19.70
N VAL B 284 0.15 7.99 -20.25
CA VAL B 284 0.51 8.89 -21.38
C VAL B 284 0.88 10.27 -20.83
N PRO B 285 2.17 10.65 -20.94
CA PRO B 285 2.66 11.89 -20.31
C PRO B 285 1.91 13.16 -20.71
N SER B 286 1.49 13.27 -21.97
CA SER B 286 0.74 14.44 -22.52
C SER B 286 -0.64 14.53 -21.86
N GLN B 287 -1.16 13.41 -21.35
CA GLN B 287 -2.49 13.41 -20.67
C GLN B 287 -2.31 13.81 -19.21
N ARG B 288 -1.08 13.81 -18.69
CA ARG B 288 -0.78 14.29 -17.31
C ARG B 288 -0.93 15.80 -17.31
N PRO B 289 -1.35 16.41 -16.18
CA PRO B 289 -1.35 17.85 -16.09
C PRO B 289 0.11 18.34 -16.18
N THR B 290 0.27 19.60 -16.56
CA THR B 290 1.56 20.33 -16.46
C THR B 290 1.67 20.91 -15.05
N PHE B 291 2.88 21.30 -14.64
CA PHE B 291 3.10 22.02 -13.36
C PHE B 291 2.30 23.32 -13.36
N LYS B 292 2.15 23.96 -14.52
CA LYS B 292 1.33 25.19 -14.62
C LYS B 292 -0.11 24.86 -14.17
N GLN B 293 -0.66 23.77 -14.68
CA GLN B 293 -2.07 23.33 -14.39
C GLN B 293 -2.19 22.88 -12.93
N LEU B 294 -1.18 22.16 -12.43
CA LEU B 294 -1.14 21.69 -11.02
C LEU B 294 -1.13 22.89 -10.09
N VAL B 295 -0.37 23.94 -10.42
CA VAL B 295 -0.31 25.17 -9.58
C VAL B 295 -1.68 25.85 -9.53
N GLU B 296 -2.34 26.01 -10.69
CA GLU B 296 -3.66 26.71 -10.77
C GLU B 296 -4.67 25.91 -9.93
N ASP B 297 -4.71 24.60 -10.13
CA ASP B 297 -5.60 23.64 -9.42
C ASP B 297 -5.31 23.69 -7.92
N LEU B 298 -4.05 23.59 -7.49
CA LEU B 298 -3.71 23.58 -6.05
C LEU B 298 -4.00 24.95 -5.45
N ASP B 299 -3.79 26.05 -6.19
CA ASP B 299 -4.18 27.41 -5.73
C ASP B 299 -5.68 27.39 -5.37
N ARG B 300 -6.50 26.90 -6.29
CA ARG B 300 -7.98 26.82 -6.14
C ARG B 300 -8.30 25.94 -4.93
N ILE B 301 -7.67 24.77 -4.84
CA ILE B 301 -7.97 23.77 -3.77
C ILE B 301 -7.57 24.33 -2.40
N VAL B 302 -6.41 25.01 -2.28
CA VAL B 302 -5.94 25.61 -1.00
C VAL B 302 -6.98 26.61 -0.49
N ALA B 303 -7.55 27.44 -1.36
CA ALA B 303 -8.53 28.51 -1.01
C ALA B 303 -9.81 27.87 -0.45
N LEU B 304 -10.15 26.66 -0.89
CA LEU B 304 -11.42 25.95 -0.55
C LEU B 304 -11.19 24.92 0.58
N THR B 305 -9.98 24.82 1.13
CA THR B 305 -9.63 23.81 2.17
C THR B 305 -9.62 24.49 3.54
N SER B 306 -10.44 23.96 4.46
CA SER B 306 -10.53 24.38 5.88
C SER B 306 -9.19 24.15 6.61
N ASN B 307 -8.87 25.01 7.57
CA ASN B 307 -7.83 24.78 8.62
C ASN B 307 -8.52 24.23 9.88
N GLN B 308 -9.85 24.10 9.88
CA GLN B 308 -10.67 23.56 11.00
C GLN B 308 -10.93 22.06 10.76
#